data_3I7U
#
_entry.id   3I7U
#
_cell.length_a   85.589
_cell.length_b   38.049
_cell.length_c   87.592
_cell.angle_alpha   90.00
_cell.angle_beta   93.10
_cell.angle_gamma   90.00
#
_symmetry.space_group_name_H-M   'P 1 21 1'
#
loop_
_entity.id
_entity.type
_entity.pdbx_description
1 polymer 'AP4A hydrolase'
2 non-polymer 'CHLORIDE ION'
3 non-polymer 1,2-ETHANEDIOL
4 non-polymer DI(HYDROXYETHYL)ETHER
5 non-polymer 2-AMINO-2-HYDROXYMETHYL-PROPANE-1,3-DIOL
6 non-polymer 'TRIETHYLENE GLYCOL'
7 non-polymer 'TETRAETHYLENE GLYCOL'
8 water water
#
_entity_poly.entity_id   1
_entity_poly.type   'polypeptide(L)'
_entity_poly.pdbx_seq_one_letter_code
;MKKEFSAGGVLFKDGEVLLIKTPSNVWSFPKGNIEPGEKPEETAVREVWEETGVKGEILDYIGEIHYWYTLKGERIFKTV
KYYLMKYKEGEPRPSWEVKDAKFFPIKEAKKLLKYKGDKEIFEKALKLKEKFKL
;
_entity_poly.pdbx_strand_id   A,B,C,D
#
# COMPACT_ATOMS: atom_id res chain seq x y z
N MET A 1 16.40 13.09 -2.85
CA MET A 1 16.31 12.22 -4.07
C MET A 1 14.89 11.73 -4.30
N LYS A 2 14.62 11.31 -5.53
CA LYS A 2 13.30 10.81 -5.90
C LYS A 2 13.38 9.79 -7.01
N LYS A 3 12.26 9.15 -7.29
CA LYS A 3 12.17 8.13 -8.33
C LYS A 3 11.34 8.66 -9.49
N GLU A 4 11.71 8.25 -10.69
CA GLU A 4 10.99 8.68 -11.89
C GLU A 4 10.48 7.44 -12.61
N PHE A 5 9.23 7.49 -13.04
CA PHE A 5 8.60 6.38 -13.75
C PHE A 5 8.33 6.76 -15.20
N SER A 6 8.94 6.01 -16.13
CA SER A 6 8.76 6.28 -17.55
C SER A 6 8.44 5.00 -18.30
N ALA A 7 7.85 5.16 -19.48
CA ALA A 7 7.52 4.02 -20.31
C ALA A 7 7.63 4.49 -21.76
N GLY A 8 8.04 3.58 -22.63
CA GLY A 8 8.18 3.95 -24.03
C GLY A 8 7.99 2.73 -24.90
N GLY A 9 8.40 2.82 -26.16
CA GLY A 9 8.23 1.68 -27.01
C GLY A 9 9.21 1.54 -28.14
N VAL A 10 9.28 0.32 -28.65
CA VAL A 10 10.13 0.00 -29.79
C VAL A 10 9.04 -0.29 -30.81
N LEU A 11 8.76 0.72 -31.63
CA LEU A 11 7.70 0.65 -32.63
C LEU A 11 8.23 0.34 -34.03
N PHE A 12 7.64 -0.68 -34.63
CA PHE A 12 8.05 -1.13 -35.96
C PHE A 12 7.06 -0.80 -37.07
N LYS A 13 7.59 -0.39 -38.23
CA LYS A 13 6.78 -0.08 -39.38
C LYS A 13 7.45 -0.64 -40.62
N ASP A 14 6.96 -1.80 -41.07
CA ASP A 14 7.50 -2.47 -42.26
C ASP A 14 9.02 -2.56 -42.28
N GLY A 15 9.57 -3.36 -41.35
CA GLY A 15 11.00 -3.54 -41.29
C GLY A 15 11.80 -2.39 -40.71
N GLU A 16 11.13 -1.30 -40.35
CA GLU A 16 11.83 -0.15 -39.77
C GLU A 16 11.37 0.11 -38.34
N VAL A 17 12.27 0.63 -37.53
CA VAL A 17 11.97 0.93 -36.14
C VAL A 17 12.11 2.43 -35.89
N LEU A 18 11.26 2.94 -35.00
CA LEU A 18 11.26 4.36 -34.66
C LEU A 18 12.30 4.69 -33.59
N LEU A 19 13.17 5.64 -33.90
CA LEU A 19 14.22 6.05 -32.97
C LEU A 19 14.22 7.56 -32.79
N ILE A 20 14.82 8.01 -31.69
CA ILE A 20 14.93 9.43 -31.41
C ILE A 20 16.37 9.73 -30.99
N LYS A 21 16.79 10.99 -31.15
CA LYS A 21 18.14 11.38 -30.77
C LYS A 21 18.03 12.33 -29.59
N THR A 22 18.65 11.95 -28.48
CA THR A 22 18.60 12.75 -27.26
C THR A 22 19.53 13.96 -27.33
N PRO A 23 19.33 14.94 -26.44
CA PRO A 23 20.14 16.15 -26.40
C PRO A 23 21.64 15.85 -26.40
N SER A 24 22.01 14.68 -25.86
CA SER A 24 23.40 14.27 -25.78
C SER A 24 23.89 13.62 -27.07
N ASN A 25 23.09 13.75 -28.13
CA ASN A 25 23.42 13.19 -29.44
C ASN A 25 23.43 11.67 -29.48
N VAL A 26 22.60 11.06 -28.65
CA VAL A 26 22.53 9.60 -28.59
C VAL A 26 21.20 9.12 -29.13
N TRP A 27 21.24 8.14 -30.02
CA TRP A 27 20.01 7.58 -30.57
C TRP A 27 19.48 6.51 -29.61
N SER A 28 18.23 6.67 -29.22
CA SER A 28 17.60 5.73 -28.32
C SER A 28 16.11 5.71 -28.63
N PHE A 29 15.34 5.00 -27.82
CA PHE A 29 13.91 4.90 -28.04
C PHE A 29 13.03 5.97 -27.41
N PRO A 30 11.89 6.27 -28.05
CA PRO A 30 10.96 7.28 -27.53
C PRO A 30 10.36 6.79 -26.23
N LYS A 31 10.34 7.68 -25.23
CA LYS A 31 9.79 7.34 -23.93
C LYS A 31 9.38 8.61 -23.20
N GLY A 32 8.67 8.46 -22.08
CA GLY A 32 8.25 9.62 -21.32
C GLY A 32 7.71 9.26 -19.94
N ASN A 33 7.58 10.29 -19.09
CA ASN A 33 7.08 10.15 -17.72
C ASN A 33 5.61 9.78 -17.58
N ILE A 34 5.31 9.04 -16.52
CA ILE A 34 3.95 8.61 -16.21
C ILE A 34 3.08 9.82 -15.87
N GLU A 35 1.78 9.66 -16.10
CA GLU A 35 0.81 10.70 -15.79
C GLU A 35 0.03 10.04 -14.65
N PRO A 36 -0.59 10.85 -13.78
CA PRO A 36 -1.36 10.33 -12.65
C PRO A 36 -2.42 9.30 -13.05
N GLY A 37 -2.34 8.12 -12.43
CA GLY A 37 -3.29 7.06 -12.69
C GLY A 37 -3.09 6.18 -13.92
N GLU A 38 -2.02 6.43 -14.68
CA GLU A 38 -1.77 5.62 -15.87
C GLU A 38 -1.05 4.33 -15.56
N LYS A 39 -1.34 3.29 -16.34
CA LYS A 39 -0.66 2.01 -16.21
C LYS A 39 0.51 2.22 -17.16
N PRO A 40 1.60 1.44 -17.02
CA PRO A 40 2.74 1.64 -17.93
C PRO A 40 2.40 1.53 -19.42
N GLU A 41 1.48 0.64 -19.79
CA GLU A 41 1.12 0.50 -21.20
C GLU A 41 0.49 1.79 -21.71
N GLU A 42 -0.28 2.46 -20.86
CA GLU A 42 -0.94 3.70 -21.24
C GLU A 42 0.09 4.81 -21.43
N THR A 43 1.03 4.87 -20.50
CA THR A 43 2.09 5.87 -20.56
C THR A 43 2.92 5.70 -21.82
N ALA A 44 3.27 4.46 -22.12
CA ALA A 44 4.09 4.13 -23.30
C ALA A 44 3.50 4.66 -24.59
N VAL A 45 2.22 4.35 -24.83
CA VAL A 45 1.57 4.80 -26.06
C VAL A 45 1.50 6.32 -26.16
N ARG A 46 1.06 6.97 -25.09
CA ARG A 46 0.93 8.43 -25.06
C ARG A 46 2.25 9.16 -25.28
N GLU A 47 3.29 8.76 -24.56
CA GLU A 47 4.60 9.41 -24.68
C GLU A 47 5.28 9.22 -26.04
N VAL A 48 5.10 8.06 -26.65
CA VAL A 48 5.70 7.82 -27.95
C VAL A 48 5.07 8.77 -28.96
N TRP A 49 3.75 8.93 -28.88
CA TRP A 49 3.05 9.83 -29.78
C TRP A 49 3.43 11.28 -29.55
N GLU A 50 3.54 11.69 -28.30
CA GLU A 50 3.90 13.06 -27.98
C GLU A 50 5.32 13.41 -28.37
N GLU A 51 6.22 12.44 -28.25
CA GLU A 51 7.62 12.67 -28.57
C GLU A 51 7.96 12.55 -30.04
N THR A 52 7.26 11.68 -30.76
CA THR A 52 7.53 11.48 -32.17
C THR A 52 6.35 11.78 -33.10
N GLY A 53 5.17 11.97 -32.51
CA GLY A 53 4.00 12.25 -33.32
C GLY A 53 3.48 11.01 -34.00
N VAL A 54 4.06 9.86 -33.65
CA VAL A 54 3.67 8.58 -34.23
C VAL A 54 2.82 7.80 -33.23
N LYS A 55 1.70 7.27 -33.72
CA LYS A 55 0.81 6.47 -32.86
C LYS A 55 1.06 4.99 -33.09
N GLY A 56 1.29 4.25 -32.01
CA GLY A 56 1.56 2.83 -32.13
C GLY A 56 0.65 1.93 -31.32
N GLU A 57 0.76 0.63 -31.58
CA GLU A 57 -0.03 -0.40 -30.90
C GLU A 57 0.88 -1.34 -30.11
N ILE A 58 0.56 -1.54 -28.83
CA ILE A 58 1.36 -2.42 -27.98
C ILE A 58 1.10 -3.89 -28.24
N LEU A 59 2.15 -4.64 -28.55
CA LEU A 59 2.04 -6.06 -28.82
C LEU A 59 2.48 -6.89 -27.62
N ASP A 60 3.45 -6.37 -26.87
CA ASP A 60 3.95 -7.06 -25.69
C ASP A 60 4.96 -6.26 -24.89
N TYR A 61 5.22 -6.72 -23.67
CA TYR A 61 6.19 -6.06 -22.78
C TYR A 61 7.57 -6.64 -23.07
N ILE A 62 8.55 -5.77 -23.32
CA ILE A 62 9.89 -6.22 -23.63
C ILE A 62 10.74 -6.33 -22.38
N GLY A 63 10.87 -5.22 -21.67
CA GLY A 63 11.67 -5.22 -20.47
C GLY A 63 11.79 -3.84 -19.86
N GLU A 64 12.67 -3.73 -18.89
CA GLU A 64 12.86 -2.48 -18.18
C GLU A 64 14.35 -2.19 -17.93
N ILE A 65 14.75 -0.93 -18.08
CA ILE A 65 16.12 -0.53 -17.80
C ILE A 65 16.01 0.59 -16.79
N HIS A 66 17.06 0.81 -16.03
CA HIS A 66 17.05 1.85 -15.01
C HIS A 66 18.42 2.49 -14.86
N TYR A 67 18.44 3.68 -14.29
CA TYR A 67 19.70 4.39 -14.08
C TYR A 67 19.52 5.66 -13.27
N TRP A 68 20.62 6.07 -12.62
CA TRP A 68 20.62 7.27 -11.81
C TRP A 68 21.12 8.43 -12.64
N TYR A 69 20.69 9.64 -12.30
CA TYR A 69 21.11 10.84 -12.97
C TYR A 69 20.73 12.01 -12.08
N THR A 70 21.35 13.17 -12.28
CA THR A 70 21.06 14.33 -11.45
C THR A 70 20.38 15.43 -12.25
N LEU A 71 19.44 16.11 -11.59
CA LEU A 71 18.71 17.21 -12.21
C LEU A 71 18.48 18.30 -11.18
N LYS A 72 19.18 19.42 -11.37
CA LYS A 72 19.07 20.56 -10.47
C LYS A 72 19.58 20.24 -9.07
N GLY A 73 20.60 19.39 -8.99
CA GLY A 73 21.18 19.05 -7.71
C GLY A 73 20.60 17.84 -6.99
N GLU A 74 19.49 17.29 -7.48
CA GLU A 74 18.89 16.13 -6.82
C GLU A 74 19.12 14.85 -7.61
N ARG A 75 19.42 13.77 -6.88
CA ARG A 75 19.65 12.48 -7.50
C ARG A 75 18.32 11.83 -7.85
N ILE A 76 18.18 11.41 -9.10
CA ILE A 76 16.96 10.80 -9.57
C ILE A 76 17.17 9.37 -10.06
N PHE A 77 16.40 8.43 -9.53
CA PHE A 77 16.51 7.04 -9.98
C PHE A 77 15.38 6.87 -10.98
N LYS A 78 15.75 6.60 -12.23
CA LYS A 78 14.75 6.45 -13.27
C LYS A 78 14.60 5.02 -13.78
N THR A 79 13.35 4.61 -13.95
CA THR A 79 13.05 3.28 -14.48
C THR A 79 12.18 3.48 -15.70
N VAL A 80 12.51 2.77 -16.78
CA VAL A 80 11.75 2.89 -18.01
C VAL A 80 11.30 1.51 -18.46
N LYS A 81 10.00 1.34 -18.62
CA LYS A 81 9.46 0.06 -19.10
C LYS A 81 9.27 0.22 -20.60
N TYR A 82 9.72 -0.77 -21.37
CA TYR A 82 9.59 -0.73 -22.82
C TYR A 82 8.62 -1.77 -23.36
N TYR A 83 7.85 -1.37 -24.37
CA TYR A 83 6.86 -2.26 -24.98
C TYR A 83 7.05 -2.35 -26.50
N LEU A 84 6.80 -3.54 -27.03
CA LEU A 84 6.90 -3.78 -28.47
C LEU A 84 5.65 -3.19 -29.11
N MET A 85 5.82 -2.33 -30.10
CA MET A 85 4.68 -1.71 -30.76
C MET A 85 4.70 -1.88 -32.28
N LYS A 86 3.54 -1.67 -32.89
CA LYS A 86 3.42 -1.76 -34.34
C LYS A 86 2.78 -0.46 -34.83
N TYR A 87 3.29 0.06 -35.93
CA TYR A 87 2.82 1.32 -36.51
C TYR A 87 1.31 1.37 -36.74
N LYS A 88 0.72 2.52 -36.42
CA LYS A 88 -0.71 2.76 -36.60
C LYS A 88 -0.92 3.89 -37.59
N GLU A 89 -0.38 5.07 -37.25
CA GLU A 89 -0.50 6.24 -38.11
C GLU A 89 0.40 7.38 -37.64
N GLY A 90 0.39 8.48 -38.38
CA GLY A 90 1.20 9.62 -38.03
C GLY A 90 2.55 9.63 -38.72
N GLU A 91 3.30 10.71 -38.54
CA GLU A 91 4.61 10.84 -39.14
C GLU A 91 5.62 11.34 -38.12
N PRO A 92 6.85 10.80 -38.14
CA PRO A 92 7.92 11.18 -37.21
C PRO A 92 8.28 12.66 -37.19
N ARG A 93 7.95 13.32 -36.09
CA ARG A 93 8.25 14.73 -35.89
C ARG A 93 8.67 14.93 -34.44
N PRO A 94 9.98 15.04 -34.19
CA PRO A 94 10.53 15.23 -32.85
C PRO A 94 10.04 16.48 -32.12
N SER A 95 9.69 16.29 -30.84
CA SER A 95 9.24 17.39 -30.01
C SER A 95 10.50 18.20 -29.73
N TRP A 96 10.37 19.28 -28.97
CA TRP A 96 11.53 20.11 -28.66
C TRP A 96 12.47 19.43 -27.66
N GLU A 97 12.03 18.31 -27.09
CA GLU A 97 12.83 17.59 -26.11
C GLU A 97 13.85 16.61 -26.70
N VAL A 98 13.70 16.34 -27.99
CA VAL A 98 14.63 15.43 -28.67
C VAL A 98 15.17 16.10 -29.91
N LYS A 99 16.44 15.83 -30.22
CA LYS A 99 17.08 16.42 -31.38
C LYS A 99 16.47 15.92 -32.67
N ASP A 100 15.95 14.70 -32.66
CA ASP A 100 15.33 14.13 -33.86
C ASP A 100 14.55 12.85 -33.61
N ALA A 101 13.67 12.53 -34.55
CA ALA A 101 12.84 11.34 -34.51
C ALA A 101 12.71 10.87 -35.95
N LYS A 102 13.25 9.69 -36.24
CA LYS A 102 13.21 9.15 -37.59
C LYS A 102 13.17 7.63 -37.62
N PHE A 103 12.54 7.08 -38.67
CA PHE A 103 12.45 5.64 -38.85
C PHE A 103 13.75 5.15 -39.46
N PHE A 104 14.22 4.00 -38.99
CA PHE A 104 15.46 3.42 -39.50
C PHE A 104 15.30 1.93 -39.73
N PRO A 105 15.86 1.42 -40.84
CA PRO A 105 15.74 -0.02 -41.09
C PRO A 105 16.41 -0.73 -39.91
N ILE A 106 15.84 -1.85 -39.49
CA ILE A 106 16.39 -2.62 -38.37
C ILE A 106 17.91 -2.73 -38.43
N LYS A 107 18.42 -3.01 -39.63
CA LYS A 107 19.85 -3.15 -39.88
C LYS A 107 20.61 -1.88 -39.46
N GLU A 108 20.04 -0.74 -39.83
CA GLU A 108 20.63 0.56 -39.54
C GLU A 108 20.55 0.91 -38.06
N ALA A 109 19.41 0.60 -37.46
CA ALA A 109 19.17 0.88 -36.04
C ALA A 109 20.14 0.18 -35.10
N LYS A 110 20.43 -1.09 -35.37
CA LYS A 110 21.32 -1.87 -34.51
C LYS A 110 22.65 -1.17 -34.22
N LYS A 111 23.24 -0.55 -35.22
CA LYS A 111 24.52 0.12 -35.05
C LYS A 111 24.43 1.46 -34.31
N LEU A 112 23.37 2.21 -34.57
CA LEU A 112 23.17 3.52 -33.95
C LEU A 112 23.06 3.50 -32.42
N LEU A 113 22.42 2.47 -31.88
CA LEU A 113 22.24 2.36 -30.43
C LEU A 113 23.58 2.36 -29.67
N LYS A 114 23.62 3.06 -28.56
CA LYS A 114 24.83 3.16 -27.73
C LYS A 114 24.70 2.42 -26.41
N TYR A 115 23.84 2.92 -25.53
CA TYR A 115 23.63 2.33 -24.21
C TYR A 115 23.32 0.85 -24.31
N LYS A 116 24.11 0.04 -23.61
CA LYS A 116 23.91 -1.40 -23.62
C LYS A 116 22.48 -1.74 -23.24
N GLY A 117 21.87 -0.88 -22.42
CA GLY A 117 20.50 -1.10 -22.01
C GLY A 117 19.54 -1.08 -23.20
N ASP A 118 19.69 -0.07 -24.05
CA ASP A 118 18.84 0.03 -25.24
C ASP A 118 19.08 -1.12 -26.20
N LYS A 119 20.35 -1.51 -26.34
CA LYS A 119 20.69 -2.59 -27.25
C LYS A 119 20.10 -3.92 -26.78
N GLU A 120 20.07 -4.13 -25.46
CA GLU A 120 19.50 -5.36 -24.92
C GLU A 120 18.00 -5.37 -25.20
N ILE A 121 17.37 -4.21 -25.00
CA ILE A 121 15.93 -4.07 -25.24
C ILE A 121 15.61 -4.35 -26.71
N PHE A 122 16.40 -3.78 -27.60
CA PHE A 122 16.19 -3.95 -29.03
C PHE A 122 16.31 -5.42 -29.40
N GLU A 123 17.34 -6.08 -28.87
CA GLU A 123 17.56 -7.49 -29.12
C GLU A 123 16.32 -8.27 -28.71
N LYS A 124 15.89 -8.07 -27.46
CA LYS A 124 14.70 -8.75 -26.95
C LYS A 124 13.53 -8.45 -27.87
N ALA A 125 13.36 -7.16 -28.20
CA ALA A 125 12.28 -6.72 -29.06
C ALA A 125 12.24 -7.47 -30.39
N LEU A 126 13.39 -7.61 -31.04
CA LEU A 126 13.44 -8.32 -32.31
C LEU A 126 12.94 -9.75 -32.18
N LYS A 127 13.38 -10.43 -31.12
CA LYS A 127 12.97 -11.82 -30.86
C LYS A 127 11.45 -11.91 -30.71
N LEU A 128 10.88 -11.04 -29.88
CA LEU A 128 9.44 -11.03 -29.65
C LEU A 128 8.73 -10.68 -30.94
N LYS A 129 9.34 -9.81 -31.74
CA LYS A 129 8.76 -9.39 -33.01
C LYS A 129 8.47 -10.60 -33.88
N GLU A 130 9.32 -11.62 -33.78
CA GLU A 130 9.17 -12.84 -34.56
C GLU A 130 7.83 -13.55 -34.29
N LYS A 131 7.65 -13.99 -33.06
CA LYS A 131 6.43 -14.70 -32.68
C LYS A 131 5.14 -13.96 -33.05
N PHE A 132 5.24 -12.65 -33.24
CA PHE A 132 4.06 -11.85 -33.61
C PHE A 132 3.93 -11.64 -35.11
N LYS A 133 5.05 -11.65 -35.82
CA LYS A 133 5.03 -11.44 -37.26
C LYS A 133 5.90 -12.47 -37.97
N MET B 1 3.21 -4.62 18.75
CA MET B 1 4.00 -5.50 17.86
C MET B 1 3.55 -5.36 16.41
N LYS B 2 4.44 -4.93 15.53
CA LYS B 2 4.07 -4.77 14.12
C LYS B 2 3.92 -6.14 13.46
N LYS B 3 2.78 -6.36 12.82
CA LYS B 3 2.50 -7.62 12.16
C LYS B 3 2.06 -7.35 10.73
N GLU B 4 2.76 -7.95 9.78
CA GLU B 4 2.42 -7.75 8.37
C GLU B 4 1.89 -9.05 7.76
N PHE B 5 0.59 -9.06 7.50
CA PHE B 5 -0.04 -10.24 6.93
C PHE B 5 -0.36 -10.02 5.46
N SER B 6 0.21 -10.87 4.60
CA SER B 6 0.01 -10.77 3.16
C SER B 6 -0.60 -12.06 2.59
N ALA B 7 -1.00 -11.99 1.33
CA ALA B 7 -1.56 -13.14 0.63
C ALA B 7 -1.09 -13.12 -0.82
N GLY B 8 -0.82 -14.29 -1.38
CA GLY B 8 -0.36 -14.35 -2.76
C GLY B 8 -0.95 -15.53 -3.51
N GLY B 9 -0.63 -15.61 -4.79
CA GLY B 9 -1.16 -16.71 -5.59
C GLY B 9 -0.14 -17.45 -6.42
N VAL B 10 -0.38 -18.75 -6.57
CA VAL B 10 0.46 -19.61 -7.39
C VAL B 10 -0.53 -20.05 -8.47
N LEU B 11 -0.51 -19.32 -9.58
CA LEU B 11 -1.44 -19.57 -10.69
C LEU B 11 -0.86 -20.44 -11.80
N PHE B 12 -1.66 -21.39 -12.27
CA PHE B 12 -1.26 -22.31 -13.32
C PHE B 12 -2.08 -22.19 -14.59
N LYS B 13 -1.42 -22.42 -15.72
CA LYS B 13 -2.06 -22.39 -17.03
C LYS B 13 -1.41 -23.46 -17.90
N ASP B 14 -2.11 -24.56 -18.10
CA ASP B 14 -1.62 -25.67 -18.92
C ASP B 14 -0.19 -26.11 -18.60
N GLY B 15 0.04 -26.53 -17.36
CA GLY B 15 1.36 -26.99 -16.98
C GLY B 15 2.40 -25.91 -16.71
N GLU B 16 2.01 -24.66 -16.76
CA GLU B 16 2.93 -23.56 -16.50
C GLU B 16 2.47 -22.77 -15.28
N VAL B 17 3.42 -22.10 -14.62
CA VAL B 17 3.09 -21.31 -13.44
C VAL B 17 3.47 -19.85 -13.68
N LEU B 18 2.67 -18.94 -13.14
CA LEU B 18 2.89 -17.51 -13.30
C LEU B 18 3.86 -16.96 -12.25
N LEU B 19 4.92 -16.30 -12.70
CA LEU B 19 5.89 -15.73 -11.79
C LEU B 19 6.15 -14.26 -12.14
N ILE B 20 6.62 -13.50 -11.16
CA ILE B 20 6.96 -12.11 -11.36
C ILE B 20 8.39 -11.91 -10.93
N LYS B 21 9.06 -10.93 -11.52
CA LYS B 21 10.44 -10.63 -11.16
C LYS B 21 10.41 -9.41 -10.25
N THR B 22 10.95 -9.56 -9.04
CA THR B 22 10.97 -8.47 -8.08
C THR B 22 12.08 -7.47 -8.36
N PRO B 23 12.06 -6.31 -7.67
CA PRO B 23 13.08 -5.28 -7.85
C PRO B 23 14.48 -5.82 -7.55
N SER B 24 14.54 -6.93 -6.83
CA SER B 24 15.81 -7.56 -6.48
C SER B 24 16.25 -8.51 -7.59
N ASN B 25 15.47 -8.56 -8.66
CA ASN B 25 15.76 -9.43 -9.81
C ASN B 25 15.47 -10.90 -9.54
N VAL B 26 14.83 -11.18 -8.42
CA VAL B 26 14.49 -12.56 -8.06
C VAL B 26 13.07 -12.88 -8.52
N TRP B 27 12.89 -14.06 -9.11
CA TRP B 27 11.56 -14.47 -9.56
C TRP B 27 10.81 -15.05 -8.36
N SER B 28 9.56 -14.64 -8.20
CA SER B 28 8.74 -15.09 -7.08
C SER B 28 7.26 -15.07 -7.46
N PHE B 29 6.38 -15.29 -6.48
CA PHE B 29 4.94 -15.29 -6.72
C PHE B 29 4.34 -13.92 -6.38
N PRO B 30 3.27 -13.53 -7.06
CA PRO B 30 2.64 -12.23 -6.76
C PRO B 30 2.00 -12.31 -5.38
N LYS B 31 2.20 -11.27 -4.57
CA LYS B 31 1.63 -11.23 -3.22
C LYS B 31 1.50 -9.78 -2.78
N GLY B 32 0.71 -9.54 -1.73
CA GLY B 32 0.54 -8.20 -1.24
C GLY B 32 -0.14 -8.16 0.12
N ASN B 33 -0.09 -7.01 0.76
CA ASN B 33 -0.71 -6.84 2.07
C ASN B 33 -2.21 -7.09 2.04
N ILE B 34 -2.72 -7.76 3.06
CA ILE B 34 -4.16 -8.02 3.16
C ILE B 34 -4.76 -6.76 3.80
N GLU B 35 -5.50 -5.98 3.01
CA GLU B 35 -6.10 -4.76 3.51
C GLU B 35 -7.21 -5.05 4.52
N PRO B 36 -7.42 -4.13 5.48
CA PRO B 36 -8.47 -4.35 6.48
C PRO B 36 -9.83 -4.57 5.80
N GLY B 37 -10.51 -5.65 6.19
CA GLY B 37 -11.81 -5.94 5.63
C GLY B 37 -11.76 -6.80 4.38
N GLU B 38 -10.55 -7.18 3.98
CA GLU B 38 -10.35 -8.01 2.81
C GLU B 38 -10.05 -9.44 3.24
N LYS B 39 -10.69 -10.41 2.61
CA LYS B 39 -10.44 -11.81 2.91
C LYS B 39 -9.10 -12.13 2.22
N PRO B 40 -8.29 -13.02 2.81
CA PRO B 40 -7.00 -13.35 2.16
C PRO B 40 -7.16 -13.77 0.71
N GLU B 41 -8.21 -14.54 0.42
CA GLU B 41 -8.46 -15.02 -0.94
C GLU B 41 -8.67 -13.84 -1.91
N GLU B 42 -9.37 -12.81 -1.44
CA GLU B 42 -9.62 -11.65 -2.28
C GLU B 42 -8.32 -10.88 -2.52
N THR B 43 -7.46 -10.84 -1.50
CA THR B 43 -6.18 -10.16 -1.62
C THR B 43 -5.33 -10.88 -2.67
N ALA B 44 -5.30 -12.20 -2.58
CA ALA B 44 -4.53 -13.01 -3.53
C ALA B 44 -4.95 -12.78 -4.98
N VAL B 45 -6.26 -12.85 -5.23
CA VAL B 45 -6.75 -12.64 -6.60
C VAL B 45 -6.43 -11.23 -7.09
N ARG B 46 -6.66 -10.24 -6.23
CA ARG B 46 -6.39 -8.85 -6.58
C ARG B 46 -4.92 -8.58 -6.88
N GLU B 47 -4.03 -9.06 -6.01
CA GLU B 47 -2.60 -8.84 -6.21
C GLU B 47 -2.09 -9.51 -7.49
N VAL B 48 -2.58 -10.70 -7.78
CA VAL B 48 -2.14 -11.36 -9.00
C VAL B 48 -2.61 -10.51 -10.17
N TRP B 49 -3.86 -10.05 -10.09
CA TRP B 49 -4.45 -9.21 -11.12
C TRP B 49 -3.66 -7.91 -11.31
N GLU B 50 -3.44 -7.20 -10.21
CA GLU B 50 -2.72 -5.93 -10.26
C GLU B 50 -1.28 -6.02 -10.75
N GLU B 51 -0.55 -7.04 -10.30
CA GLU B 51 0.84 -7.17 -10.67
C GLU B 51 1.13 -7.80 -12.02
N THR B 52 0.20 -8.62 -12.51
CA THR B 52 0.42 -9.31 -13.77
C THR B 52 -0.62 -9.09 -14.86
N GLY B 53 -1.81 -8.62 -14.49
CA GLY B 53 -2.84 -8.41 -15.49
C GLY B 53 -3.55 -9.71 -15.81
N VAL B 54 -3.23 -10.75 -15.07
CA VAL B 54 -3.84 -12.06 -15.26
C VAL B 54 -4.93 -12.29 -14.20
N LYS B 55 -6.10 -12.71 -14.65
CA LYS B 55 -7.19 -12.99 -13.73
C LYS B 55 -7.19 -14.48 -13.44
N GLY B 56 -7.23 -14.83 -12.16
CA GLY B 56 -7.23 -16.23 -11.79
C GLY B 56 -8.38 -16.59 -10.87
N GLU B 57 -8.71 -17.88 -10.85
CA GLU B 57 -9.77 -18.40 -9.99
C GLU B 57 -9.11 -19.27 -8.94
N ILE B 58 -9.47 -19.06 -7.68
CA ILE B 58 -8.89 -19.84 -6.59
C ILE B 58 -9.46 -21.25 -6.52
N LEU B 59 -8.56 -22.23 -6.45
CA LEU B 59 -8.95 -23.63 -6.38
C LEU B 59 -8.87 -24.15 -4.96
N ASP B 60 -7.85 -23.73 -4.22
CA ASP B 60 -7.69 -24.19 -2.84
C ASP B 60 -6.63 -23.38 -2.10
N TYR B 61 -6.57 -23.59 -0.78
CA TYR B 61 -5.60 -22.92 0.08
C TYR B 61 -4.36 -23.80 0.22
N ILE B 62 -3.21 -23.26 -0.18
CA ILE B 62 -1.97 -24.03 -0.13
C ILE B 62 -1.37 -24.08 1.28
N GLY B 63 -1.08 -22.92 1.83
CA GLY B 63 -0.48 -22.89 3.14
C GLY B 63 -0.04 -21.49 3.48
N GLU B 64 0.74 -21.37 4.55
CA GLU B 64 1.20 -20.09 5.04
C GLU B 64 2.66 -20.18 5.46
N ILE B 65 3.40 -19.09 5.29
CA ILE B 65 4.80 -19.05 5.70
C ILE B 65 5.00 -17.84 6.62
N HIS B 66 5.90 -18.00 7.59
CA HIS B 66 6.20 -16.94 8.56
C HIS B 66 7.67 -16.59 8.57
N TYR B 67 7.97 -15.31 8.77
CA TYR B 67 9.35 -14.87 8.89
C TYR B 67 9.41 -13.50 9.52
N TRP B 68 10.54 -13.20 10.15
CA TRP B 68 10.73 -11.92 10.81
C TRP B 68 11.82 -11.14 10.10
N TYR B 69 11.83 -9.83 10.34
CA TYR B 69 12.87 -8.98 9.79
C TYR B 69 12.96 -7.78 10.70
N THR B 70 14.11 -7.10 10.66
CA THR B 70 14.33 -5.95 11.51
C THR B 70 14.35 -4.68 10.69
N LEU B 71 13.65 -3.67 11.20
CA LEU B 71 13.54 -2.38 10.55
C LEU B 71 13.59 -1.27 11.59
N LYS B 72 14.57 -0.38 11.45
CA LYS B 72 14.75 0.73 12.37
C LYS B 72 14.86 0.23 13.81
N GLY B 73 15.59 -0.86 14.00
CA GLY B 73 15.77 -1.40 15.33
C GLY B 73 14.60 -2.17 15.92
N GLU B 74 13.56 -2.38 15.11
CA GLU B 74 12.40 -3.11 15.59
C GLU B 74 12.16 -4.41 14.84
N ARG B 75 11.70 -5.43 15.58
CA ARG B 75 11.41 -6.72 14.99
C ARG B 75 10.00 -6.72 14.43
N ILE B 76 9.88 -7.09 13.16
CA ILE B 76 8.56 -7.14 12.51
C ILE B 76 8.26 -8.58 12.12
N PHE B 77 7.05 -9.01 12.43
CA PHE B 77 6.59 -10.36 12.13
C PHE B 77 5.76 -10.31 10.86
N LYS B 78 6.09 -11.17 9.90
CA LYS B 78 5.36 -11.22 8.64
C LYS B 78 4.93 -12.63 8.28
N THR B 79 3.73 -12.75 7.75
CA THR B 79 3.20 -14.05 7.32
C THR B 79 2.54 -13.86 5.96
N VAL B 80 2.59 -14.90 5.14
CA VAL B 80 1.99 -14.85 3.82
C VAL B 80 1.19 -16.13 3.56
N LYS B 81 -0.08 -15.96 3.22
CA LYS B 81 -0.94 -17.09 2.90
C LYS B 81 -0.94 -17.22 1.38
N TYR B 82 -0.83 -18.46 0.89
CA TYR B 82 -0.83 -18.70 -0.55
C TYR B 82 -1.99 -19.56 -1.01
N TYR B 83 -2.57 -19.18 -2.16
CA TYR B 83 -3.70 -19.89 -2.74
C TYR B 83 -3.38 -20.42 -4.14
N LEU B 84 -3.85 -21.63 -4.42
CA LEU B 84 -3.66 -22.28 -5.71
C LEU B 84 -4.71 -21.70 -6.64
N MET B 85 -4.27 -21.25 -7.81
CA MET B 85 -5.18 -20.65 -8.78
C MET B 85 -5.05 -21.27 -10.17
N LYS B 86 -6.12 -21.15 -10.94
CA LYS B 86 -6.12 -21.64 -12.31
C LYS B 86 -6.39 -20.42 -13.18
N TYR B 87 -5.69 -20.33 -14.30
CA TYR B 87 -5.84 -19.21 -15.24
C TYR B 87 -7.28 -19.05 -15.70
N LYS B 88 -7.69 -17.80 -15.91
CA LYS B 88 -9.04 -17.50 -16.38
C LYS B 88 -8.98 -16.64 -17.63
N GLU B 89 -8.14 -15.60 -17.59
CA GLU B 89 -7.98 -14.71 -18.72
C GLU B 89 -6.95 -13.64 -18.44
N GLY B 90 -6.66 -12.83 -19.46
CA GLY B 90 -5.69 -11.78 -19.31
C GLY B 90 -4.34 -12.22 -19.84
N GLU B 91 -3.47 -11.24 -20.12
CA GLU B 91 -2.14 -11.54 -20.63
C GLU B 91 -1.11 -10.95 -19.68
N PRO B 92 -0.06 -11.72 -19.34
CA PRO B 92 1.00 -11.29 -18.44
C PRO B 92 1.64 -9.95 -18.79
N ARG B 93 1.41 -8.96 -17.94
CA ARG B 93 1.95 -7.61 -18.10
C ARG B 93 2.27 -7.06 -16.71
N PRO B 94 3.54 -6.75 -16.45
CA PRO B 94 3.96 -6.23 -15.15
C PRO B 94 3.40 -4.85 -14.79
N SER B 95 3.29 -4.60 -13.50
CA SER B 95 2.81 -3.32 -13.00
C SER B 95 4.06 -2.47 -12.82
N TRP B 96 3.89 -1.20 -12.47
CA TRP B 96 5.04 -0.33 -12.25
C TRP B 96 5.90 -0.93 -11.14
N GLU B 97 5.26 -1.77 -10.32
CA GLU B 97 5.91 -2.41 -9.18
C GLU B 97 6.96 -3.47 -9.51
N VAL B 98 6.63 -4.37 -10.43
CA VAL B 98 7.55 -5.45 -10.77
C VAL B 98 8.28 -5.28 -12.11
N LYS B 99 9.41 -5.97 -12.22
CA LYS B 99 10.25 -5.94 -13.41
C LYS B 99 9.71 -6.74 -14.58
N ASP B 100 8.96 -7.80 -14.29
CA ASP B 100 8.42 -8.65 -15.34
C ASP B 100 7.34 -9.55 -14.77
N ALA B 101 6.65 -10.24 -15.68
CA ALA B 101 5.58 -11.17 -15.34
C ALA B 101 5.58 -12.18 -16.48
N LYS B 102 5.78 -13.44 -16.17
CA LYS B 102 5.84 -14.47 -17.21
C LYS B 102 5.46 -15.86 -16.70
N PHE B 103 4.99 -16.70 -17.63
CA PHE B 103 4.62 -18.07 -17.32
C PHE B 103 5.85 -18.93 -17.56
N PHE B 104 6.10 -19.88 -16.67
CA PHE B 104 7.26 -20.76 -16.80
C PHE B 104 6.92 -22.22 -16.60
N PRO B 105 7.54 -23.11 -17.39
CA PRO B 105 7.24 -24.54 -17.22
C PRO B 105 7.67 -24.88 -15.79
N ILE B 106 6.91 -25.75 -15.13
CA ILE B 106 7.20 -26.14 -13.76
C ILE B 106 8.67 -26.49 -13.53
N LYS B 107 9.25 -27.31 -14.40
CA LYS B 107 10.65 -27.70 -14.27
C LYS B 107 11.56 -26.49 -14.16
N GLU B 108 11.33 -25.51 -15.00
CA GLU B 108 12.15 -24.30 -15.02
C GLU B 108 11.84 -23.39 -13.82
N ALA B 109 10.57 -23.35 -13.42
CA ALA B 109 10.16 -22.53 -12.30
C ALA B 109 10.91 -22.95 -11.03
N LYS B 110 11.01 -24.26 -10.81
CA LYS B 110 11.71 -24.77 -9.64
C LYS B 110 13.13 -24.25 -9.60
N LYS B 111 13.69 -23.99 -10.78
CA LYS B 111 15.06 -23.51 -10.90
C LYS B 111 15.16 -22.02 -10.55
N LEU B 112 14.19 -21.24 -11.03
CA LEU B 112 14.19 -19.79 -10.79
C LEU B 112 13.93 -19.40 -9.34
N LEU B 113 12.98 -20.06 -8.68
CA LEU B 113 12.67 -19.74 -7.29
C LEU B 113 13.94 -19.72 -6.43
N LYS B 114 14.02 -18.74 -5.53
CA LYS B 114 15.16 -18.59 -4.64
C LYS B 114 14.82 -18.71 -3.17
N TYR B 115 13.79 -17.98 -2.73
CA TYR B 115 13.39 -18.00 -1.33
C TYR B 115 12.89 -19.36 -0.89
N LYS B 116 13.40 -19.81 0.25
CA LYS B 116 13.03 -21.09 0.82
C LYS B 116 11.51 -21.19 0.98
N GLY B 117 10.89 -20.05 1.28
CA GLY B 117 9.45 -20.02 1.45
C GLY B 117 8.74 -20.31 0.13
N ASP B 118 9.21 -19.70 -0.94
CA ASP B 118 8.60 -19.91 -2.26
C ASP B 118 8.72 -21.38 -2.66
N LYS B 119 9.87 -21.98 -2.39
CA LYS B 119 10.10 -23.37 -2.74
C LYS B 119 9.14 -24.30 -1.98
N GLU B 120 9.03 -24.09 -0.68
CA GLU B 120 8.13 -24.91 0.14
C GLU B 120 6.70 -24.77 -0.34
N ILE B 121 6.29 -23.53 -0.61
CA ILE B 121 4.94 -23.27 -1.07
C ILE B 121 4.69 -23.89 -2.44
N PHE B 122 5.67 -23.79 -3.34
CA PHE B 122 5.53 -24.33 -4.69
C PHE B 122 5.36 -25.85 -4.64
N GLU B 123 6.18 -26.51 -3.81
CA GLU B 123 6.08 -27.96 -3.68
C GLU B 123 4.70 -28.36 -3.20
N LYS B 124 4.18 -27.66 -2.20
CA LYS B 124 2.84 -27.95 -1.67
C LYS B 124 1.79 -27.71 -2.74
N ALA B 125 2.01 -26.67 -3.55
CA ALA B 125 1.08 -26.30 -4.61
C ALA B 125 0.98 -27.38 -5.68
N LEU B 126 2.11 -27.99 -6.01
CA LEU B 126 2.14 -29.03 -7.02
C LEU B 126 1.37 -30.27 -6.57
N LYS B 127 1.43 -30.58 -5.28
CA LYS B 127 0.71 -31.74 -4.76
C LYS B 127 -0.79 -31.47 -4.72
N LEU B 128 -1.16 -30.28 -4.27
CA LEU B 128 -2.56 -29.90 -4.16
C LEU B 128 -3.17 -29.77 -5.54
N LYS B 129 -2.33 -29.44 -6.52
CA LYS B 129 -2.75 -29.27 -7.91
C LYS B 129 -3.30 -30.55 -8.53
N GLU B 130 -2.71 -31.68 -8.16
CA GLU B 130 -3.15 -32.97 -8.69
C GLU B 130 -4.63 -33.22 -8.41
N LYS B 131 -5.08 -32.76 -7.25
CA LYS B 131 -6.47 -32.93 -6.85
C LYS B 131 -7.34 -32.48 -8.01
N PHE B 132 -6.91 -31.41 -8.68
CA PHE B 132 -7.63 -30.87 -9.82
C PHE B 132 -6.84 -31.19 -11.08
N LYS B 133 -7.33 -30.71 -12.22
CA LYS B 133 -6.68 -30.93 -13.51
C LYS B 133 -7.66 -30.65 -14.65
N MET C 1 19.50 -3.34 -6.31
CA MET C 1 18.75 -3.63 -5.06
C MET C 1 17.46 -2.83 -5.02
N LYS C 2 16.49 -3.31 -4.24
CA LYS C 2 15.21 -2.64 -4.11
C LYS C 2 15.36 -1.32 -3.37
N LYS C 3 14.71 -0.28 -3.88
CA LYS C 3 14.75 1.05 -3.29
C LYS C 3 13.33 1.54 -3.04
N GLU C 4 13.05 1.97 -1.82
CA GLU C 4 11.72 2.46 -1.46
C GLU C 4 11.73 3.95 -1.16
N PHE C 5 10.78 4.67 -1.76
CA PHE C 5 10.67 6.11 -1.60
C PHE C 5 9.34 6.50 -0.96
N SER C 6 9.42 7.12 0.21
CA SER C 6 8.23 7.52 0.94
C SER C 6 8.23 9.02 1.25
N ALA C 7 7.09 9.52 1.69
CA ALA C 7 6.94 10.92 2.06
C ALA C 7 6.04 10.98 3.29
N GLY C 8 6.31 11.94 4.16
CA GLY C 8 5.50 12.08 5.36
C GLY C 8 5.34 13.52 5.77
N GLY C 9 4.55 13.76 6.82
CA GLY C 9 4.34 15.13 7.25
C GLY C 9 4.46 15.41 8.73
N VAL C 10 4.94 16.61 9.03
CA VAL C 10 5.09 17.11 10.40
C VAL C 10 4.13 18.28 10.40
N LEU C 11 2.95 18.07 10.97
CA LEU C 11 1.89 19.07 11.00
C LEU C 11 1.70 19.70 12.38
N PHE C 12 1.65 21.03 12.38
CA PHE C 12 1.49 21.78 13.61
C PHE C 12 0.12 22.45 13.69
N LYS C 13 -0.42 22.52 14.89
CA LYS C 13 -1.71 23.17 15.14
C LYS C 13 -1.60 23.88 16.48
N ASP C 14 -1.81 25.19 16.47
CA ASP C 14 -1.74 25.99 17.70
C ASP C 14 -0.45 25.73 18.47
N GLY C 15 0.65 25.56 17.76
CA GLY C 15 1.94 25.31 18.41
C GLY C 15 2.25 23.88 18.79
N GLU C 16 1.33 22.96 18.53
CA GLU C 16 1.56 21.55 18.88
C GLU C 16 1.75 20.72 17.61
N VAL C 17 2.41 19.57 17.74
CA VAL C 17 2.67 18.70 16.60
C VAL C 17 1.83 17.43 16.64
N LEU C 18 1.38 16.99 15.46
CA LEU C 18 0.56 15.80 15.31
C LEU C 18 1.42 14.55 15.17
N LEU C 19 1.24 13.61 16.10
CA LEU C 19 2.00 12.36 16.06
C LEU C 19 1.06 11.17 16.04
N ILE C 20 1.55 10.03 15.55
CA ILE C 20 0.75 8.82 15.54
C ILE C 20 1.49 7.78 16.37
N LYS C 21 0.74 6.88 17.00
CA LYS C 21 1.32 5.83 17.83
C LYS C 21 1.32 4.55 17.00
N THR C 22 2.51 4.10 16.63
CA THR C 22 2.65 2.92 15.80
C THR C 22 2.38 1.63 16.57
N PRO C 23 2.27 0.51 15.86
CA PRO C 23 2.01 -0.80 16.47
C PRO C 23 3.01 -1.17 17.57
N SER C 24 4.22 -0.64 17.48
CA SER C 24 5.27 -0.92 18.48
C SER C 24 5.20 0.03 19.66
N ASN C 25 4.16 0.86 19.68
CA ASN C 25 3.93 1.85 20.74
C ASN C 25 4.83 3.07 20.63
N VAL C 26 5.55 3.19 19.53
CA VAL C 26 6.43 4.34 19.32
C VAL C 26 5.65 5.45 18.60
N TRP C 27 5.73 6.66 19.14
CA TRP C 27 5.06 7.80 18.52
C TRP C 27 5.95 8.30 17.39
N SER C 28 5.36 8.56 16.23
CA SER C 28 6.12 8.99 15.06
C SER C 28 5.27 9.90 14.17
N PHE C 29 5.74 10.17 12.96
CA PHE C 29 5.01 11.02 12.01
C PHE C 29 4.39 10.16 10.92
N PRO C 30 3.21 10.56 10.41
CA PRO C 30 2.57 9.78 9.33
C PRO C 30 3.44 9.84 8.07
N LYS C 31 3.53 8.72 7.36
CA LYS C 31 4.31 8.66 6.12
C LYS C 31 3.82 7.48 5.31
N GLY C 32 4.15 7.48 4.03
CA GLY C 32 3.71 6.39 3.17
C GLY C 32 4.45 6.37 1.86
N ASN C 33 4.29 5.28 1.13
CA ASN C 33 4.94 5.11 -0.16
C ASN C 33 4.47 6.14 -1.17
N ILE C 34 5.40 6.69 -1.94
CA ILE C 34 5.05 7.65 -2.97
C ILE C 34 4.62 6.82 -4.17
N GLU C 35 3.33 6.83 -4.45
CA GLU C 35 2.80 6.06 -5.57
C GLU C 35 3.26 6.59 -6.93
N PRO C 36 3.31 5.72 -7.93
CA PRO C 36 3.74 6.15 -9.26
C PRO C 36 2.84 7.29 -9.75
N GLY C 37 3.44 8.37 -10.24
CA GLY C 37 2.67 9.48 -10.75
C GLY C 37 2.19 10.43 -9.68
N GLU C 38 2.66 10.22 -8.45
CA GLU C 38 2.26 11.06 -7.32
C GLU C 38 3.41 11.95 -6.88
N LYS C 39 3.12 13.23 -6.62
CA LYS C 39 4.16 14.13 -6.14
C LYS C 39 4.35 13.82 -4.66
N PRO C 40 5.59 13.93 -4.16
CA PRO C 40 5.82 13.62 -2.73
C PRO C 40 4.94 14.46 -1.80
N GLU C 41 4.59 15.68 -2.22
CA GLU C 41 3.74 16.53 -1.41
C GLU C 41 2.33 15.95 -1.34
N GLU C 42 1.89 15.33 -2.44
CA GLU C 42 0.56 14.75 -2.47
C GLU C 42 0.53 13.53 -1.56
N THR C 43 1.63 12.78 -1.56
CA THR C 43 1.75 11.59 -0.73
C THR C 43 1.67 11.97 0.75
N ALA C 44 2.42 12.99 1.14
CA ALA C 44 2.43 13.44 2.52
C ALA C 44 1.06 13.91 3.01
N VAL C 45 0.39 14.77 2.24
CA VAL C 45 -0.92 15.25 2.67
C VAL C 45 -1.91 14.09 2.77
N ARG C 46 -1.86 13.18 1.80
CA ARG C 46 -2.75 12.02 1.79
C ARG C 46 -2.52 11.11 3.00
N GLU C 47 -1.26 10.74 3.24
CA GLU C 47 -0.93 9.87 4.37
C GLU C 47 -1.31 10.49 5.71
N VAL C 48 -1.06 11.78 5.88
CA VAL C 48 -1.43 12.40 7.14
C VAL C 48 -2.95 12.30 7.28
N TRP C 49 -3.67 12.57 6.20
CA TRP C 49 -5.13 12.51 6.26
C TRP C 49 -5.65 11.10 6.54
N GLU C 50 -5.10 10.10 5.86
CA GLU C 50 -5.54 8.73 6.06
C GLU C 50 -5.21 8.17 7.45
N GLU C 51 -4.02 8.50 7.95
CA GLU C 51 -3.60 7.97 9.26
C GLU C 51 -4.18 8.70 10.47
N THR C 52 -4.54 9.97 10.30
CA THR C 52 -5.03 10.77 11.43
C THR C 52 -6.37 11.47 11.27
N GLY C 53 -6.90 11.53 10.05
CA GLY C 53 -8.18 12.19 9.84
C GLY C 53 -8.00 13.71 9.81
N VAL C 54 -6.76 14.17 9.90
CA VAL C 54 -6.46 15.60 9.89
C VAL C 54 -5.97 16.04 8.51
N LYS C 55 -6.56 17.09 7.98
CA LYS C 55 -6.16 17.61 6.69
C LYS C 55 -5.19 18.77 6.92
N GLY C 56 -4.02 18.68 6.28
CA GLY C 56 -3.02 19.73 6.45
C GLY C 56 -2.67 20.41 5.14
N GLU C 57 -2.03 21.57 5.24
CA GLU C 57 -1.62 22.33 4.07
C GLU C 57 -0.10 22.42 4.09
N ILE C 58 0.52 22.12 2.95
CA ILE C 58 1.97 22.15 2.85
C ILE C 58 2.50 23.58 3.01
N LEU C 59 3.45 23.75 3.91
CA LEU C 59 4.07 25.06 4.13
C LEU C 59 5.42 25.08 3.43
N ASP C 60 6.15 23.98 3.54
CA ASP C 60 7.46 23.88 2.91
C ASP C 60 8.10 22.50 3.12
N TYR C 61 9.15 22.23 2.35
CA TYR C 61 9.88 20.98 2.43
C TYR C 61 10.88 21.04 3.58
N ILE C 62 10.88 20.02 4.44
CA ILE C 62 11.80 20.00 5.58
C ILE C 62 13.13 19.36 5.24
N GLY C 63 13.08 18.16 4.68
CA GLY C 63 14.29 17.45 4.33
C GLY C 63 13.98 15.98 4.16
N GLU C 64 15.02 15.17 4.03
CA GLU C 64 14.83 13.74 3.86
C GLU C 64 15.84 12.95 4.65
N ILE C 65 15.48 11.71 4.95
CA ILE C 65 16.34 10.81 5.69
C ILE C 65 16.33 9.49 4.94
N HIS C 66 17.29 8.63 5.22
CA HIS C 66 17.34 7.33 4.56
C HIS C 66 17.92 6.30 5.51
N TYR C 67 17.65 5.03 5.22
CA TYR C 67 18.14 3.95 6.04
C TYR C 67 18.07 2.63 5.27
N TRP C 68 18.77 1.62 5.77
CA TRP C 68 18.80 0.33 5.13
C TRP C 68 18.30 -0.73 6.08
N TYR C 69 17.82 -1.83 5.51
CA TYR C 69 17.35 -2.95 6.30
C TYR C 69 17.41 -4.21 5.45
N THR C 70 17.32 -5.36 6.11
CA THR C 70 17.39 -6.64 5.40
C THR C 70 16.06 -7.37 5.48
N LEU C 71 15.66 -7.96 4.37
CA LEU C 71 14.42 -8.71 4.30
C LEU C 71 14.66 -9.93 3.42
N LYS C 72 14.44 -11.11 4.00
CA LYS C 72 14.65 -12.37 3.29
C LYS C 72 16.06 -12.45 2.73
N GLY C 73 17.02 -11.90 3.47
CA GLY C 73 18.40 -11.93 3.06
C GLY C 73 18.77 -10.93 1.98
N GLU C 74 17.88 -10.01 1.67
CA GLU C 74 18.11 -8.99 0.65
C GLU C 74 18.28 -7.62 1.29
N ARG C 75 19.20 -6.82 0.76
CA ARG C 75 19.41 -5.48 1.30
C ARG C 75 18.42 -4.53 0.64
N ILE C 76 17.77 -3.70 1.46
CA ILE C 76 16.79 -2.75 0.95
C ILE C 76 17.13 -1.34 1.40
N PHE C 77 17.01 -0.39 0.48
CA PHE C 77 17.27 1.02 0.75
C PHE C 77 15.94 1.76 0.81
N LYS C 78 15.77 2.57 1.85
CA LYS C 78 14.53 3.33 1.97
C LYS C 78 14.84 4.78 2.31
N THR C 79 14.15 5.70 1.64
CA THR C 79 14.33 7.12 1.89
C THR C 79 12.97 7.76 2.07
N VAL C 80 12.90 8.79 2.90
CA VAL C 80 11.64 9.47 3.17
C VAL C 80 11.78 10.99 3.18
N LYS C 81 10.92 11.66 2.42
CA LYS C 81 10.91 13.13 2.39
C LYS C 81 9.81 13.60 3.32
N TYR C 82 10.07 14.65 4.08
CA TYR C 82 9.11 15.20 5.02
C TYR C 82 8.75 16.64 4.71
N TYR C 83 7.48 16.97 4.88
CA TYR C 83 7.01 18.32 4.62
C TYR C 83 6.36 18.93 5.85
N LEU C 84 6.61 20.23 6.03
CA LEU C 84 6.05 20.98 7.14
C LEU C 84 4.61 21.33 6.76
N MET C 85 3.68 21.13 7.69
CA MET C 85 2.28 21.42 7.41
C MET C 85 1.60 22.19 8.52
N LYS C 86 0.52 22.87 8.15
CA LYS C 86 -0.28 23.62 9.11
C LYS C 86 -1.66 22.98 9.07
N TYR C 87 -2.31 22.92 10.23
CA TYR C 87 -3.65 22.35 10.35
C TYR C 87 -4.66 23.09 9.48
N LYS C 88 -5.58 22.36 8.86
CA LYS C 88 -6.62 22.96 8.04
C LYS C 88 -7.99 22.60 8.58
N GLU C 89 -8.18 21.32 8.90
CA GLU C 89 -9.44 20.85 9.44
C GLU C 89 -9.36 19.40 9.88
N GLY C 90 -10.40 18.94 10.57
CA GLY C 90 -10.43 17.56 11.02
C GLY C 90 -10.03 17.35 12.47
N GLU C 91 -10.40 16.18 13.00
CA GLU C 91 -10.06 15.80 14.36
C GLU C 91 -9.21 14.55 14.33
N PRO C 92 -8.25 14.43 15.26
CA PRO C 92 -7.40 13.24 15.28
C PRO C 92 -8.24 11.98 15.44
N ARG C 93 -8.11 11.06 14.50
CA ARG C 93 -8.83 9.80 14.50
C ARG C 93 -7.87 8.81 13.85
N PRO C 94 -7.38 7.83 14.62
CA PRO C 94 -6.44 6.87 14.03
C PRO C 94 -7.05 5.92 13.01
N SER C 95 -6.24 5.54 12.02
CA SER C 95 -6.64 4.60 11.00
C SER C 95 -6.54 3.22 11.66
N TRP C 96 -6.88 2.17 10.91
CA TRP C 96 -6.81 0.82 11.44
C TRP C 96 -5.34 0.44 11.65
N GLU C 97 -4.45 1.12 10.93
CA GLU C 97 -3.01 0.85 10.98
C GLU C 97 -2.26 1.40 12.19
N VAL C 98 -2.85 2.36 12.89
CA VAL C 98 -2.19 2.95 14.06
C VAL C 98 -3.04 2.90 15.32
N LYS C 99 -2.38 2.98 16.48
CA LYS C 99 -3.07 2.89 17.76
C LYS C 99 -3.72 4.18 18.22
N ASP C 100 -3.13 5.32 17.85
CA ASP C 100 -3.66 6.61 18.25
C ASP C 100 -3.05 7.72 17.40
N ALA C 101 -3.73 8.87 17.39
CA ALA C 101 -3.27 10.05 16.65
C ALA C 101 -3.58 11.19 17.61
N LYS C 102 -2.57 11.99 17.94
CA LYS C 102 -2.77 13.06 18.91
C LYS C 102 -1.78 14.23 18.77
N PHE C 103 -2.20 15.41 19.22
CA PHE C 103 -1.37 16.61 19.20
C PHE C 103 -0.60 16.70 20.51
N PHE C 104 0.67 17.09 20.44
CA PHE C 104 1.52 17.19 21.61
C PHE C 104 2.33 18.48 21.67
N PRO C 105 2.55 19.00 22.90
CA PRO C 105 3.33 20.22 23.03
C PRO C 105 4.72 19.84 22.53
N ILE C 106 5.42 20.77 21.90
CA ILE C 106 6.75 20.49 21.36
C ILE C 106 7.69 19.82 22.36
N LYS C 107 7.70 20.30 23.60
CA LYS C 107 8.57 19.76 24.62
C LYS C 107 8.32 18.27 24.84
N GLU C 108 7.05 17.89 24.96
CA GLU C 108 6.67 16.51 25.16
C GLU C 108 6.98 15.64 23.94
N ALA C 109 6.67 16.17 22.77
CA ALA C 109 6.92 15.44 21.51
C ALA C 109 8.39 15.10 21.34
N LYS C 110 9.27 16.03 21.69
CA LYS C 110 10.70 15.76 21.56
C LYS C 110 11.11 14.54 22.37
N LYS C 111 10.50 14.40 23.54
CA LYS C 111 10.81 13.27 24.43
C LYS C 111 10.22 11.96 23.94
N LEU C 112 9.07 12.04 23.26
CA LEU C 112 8.41 10.84 22.75
C LEU C 112 9.04 10.22 21.51
N LEU C 113 9.61 11.05 20.64
CA LEU C 113 10.24 10.54 19.41
C LEU C 113 11.36 9.54 19.75
N LYS C 114 11.45 8.48 18.96
CA LYS C 114 12.46 7.45 19.18
C LYS C 114 13.34 7.19 17.96
N TYR C 115 12.71 7.03 16.80
CA TYR C 115 13.47 6.79 15.57
C TYR C 115 14.46 7.92 15.33
N LYS C 116 15.70 7.57 14.98
CA LYS C 116 16.71 8.60 14.75
C LYS C 116 16.25 9.57 13.67
N GLY C 117 15.70 9.03 12.59
CA GLY C 117 15.21 9.84 11.50
C GLY C 117 14.19 10.86 11.93
N ASP C 118 13.25 10.45 12.79
CA ASP C 118 12.21 11.36 13.27
C ASP C 118 12.82 12.53 14.05
N LYS C 119 13.78 12.23 14.91
CA LYS C 119 14.43 13.25 15.72
C LYS C 119 15.16 14.27 14.85
N GLU C 120 15.87 13.78 13.84
CA GLU C 120 16.61 14.67 12.94
C GLU C 120 15.64 15.57 12.19
N ILE C 121 14.59 14.96 11.66
CA ILE C 121 13.57 15.69 10.92
C ILE C 121 12.83 16.71 11.78
N PHE C 122 12.53 16.33 13.03
CA PHE C 122 11.81 17.22 13.92
C PHE C 122 12.66 18.45 14.25
N GLU C 123 13.97 18.24 14.41
CA GLU C 123 14.88 19.34 14.69
C GLU C 123 14.82 20.34 13.55
N LYS C 124 14.93 19.85 12.31
CA LYS C 124 14.87 20.72 11.15
C LYS C 124 13.51 21.39 11.04
N ALA C 125 12.47 20.64 11.33
CA ALA C 125 11.11 21.18 11.28
C ALA C 125 10.92 22.36 12.22
N LEU C 126 11.47 22.25 13.42
CA LEU C 126 11.35 23.31 14.42
C LEU C 126 12.04 24.60 14.01
N LYS C 127 13.15 24.48 13.29
CA LYS C 127 13.88 25.67 12.84
C LYS C 127 13.14 26.33 11.68
N LEU C 128 12.54 25.50 10.84
CA LEU C 128 11.82 25.97 9.68
C LEU C 128 10.47 26.62 10.00
N LYS C 129 9.74 26.06 10.96
CA LYS C 129 8.42 26.60 11.30
C LYS C 129 8.45 28.03 11.83
N GLU C 130 9.61 28.45 12.35
CA GLU C 130 9.75 29.80 12.89
C GLU C 130 9.29 30.83 11.85
N LYS C 131 9.55 30.56 10.58
CA LYS C 131 9.18 31.45 9.48
C LYS C 131 7.67 31.65 9.33
N PHE C 132 6.91 30.63 9.68
CA PHE C 132 5.45 30.71 9.55
C PHE C 132 4.76 30.94 10.89
N LYS C 133 5.54 31.21 11.92
CA LYS C 133 5.03 31.45 13.26
C LYS C 133 3.99 30.41 13.69
N LEU C 134 4.46 29.17 13.86
CA LEU C 134 3.61 28.05 14.26
C LEU C 134 3.88 27.66 15.72
N MET D 1 -2.80 -17.99 10.57
CA MET D 1 -2.80 -16.73 11.37
C MET D 1 -3.49 -15.63 10.56
N LYS D 2 -4.29 -14.81 11.23
CA LYS D 2 -5.03 -13.76 10.53
C LYS D 2 -5.29 -12.61 11.48
N LYS D 3 -5.60 -11.45 10.92
CA LYS D 3 -5.92 -10.28 11.73
C LYS D 3 -7.43 -10.07 11.64
N GLU D 4 -8.01 -9.50 12.69
CA GLU D 4 -9.44 -9.19 12.70
C GLU D 4 -9.60 -7.76 13.20
N PHE D 5 -10.48 -7.01 12.55
CA PHE D 5 -10.74 -5.62 12.92
C PHE D 5 -12.19 -5.40 13.25
N SER D 6 -12.45 -4.75 14.38
CA SER D 6 -13.81 -4.45 14.81
C SER D 6 -13.80 -3.07 15.43
N ALA D 7 -14.97 -2.46 15.56
CA ALA D 7 -15.07 -1.15 16.18
C ALA D 7 -16.44 -1.08 16.81
N GLY D 8 -16.55 -0.31 17.87
CA GLY D 8 -17.82 -0.19 18.56
C GLY D 8 -17.88 1.13 19.30
N GLY D 9 -18.87 1.29 20.15
CA GLY D 9 -18.96 2.53 20.88
C GLY D 9 -19.49 2.46 22.28
N VAL D 10 -19.19 3.52 23.02
CA VAL D 10 -19.67 3.70 24.38
C VAL D 10 -20.60 4.87 24.07
N LEU D 11 -21.88 4.53 23.95
CA LEU D 11 -22.90 5.51 23.56
C LEU D 11 -23.77 5.91 24.75
N PHE D 12 -23.95 7.22 24.89
CA PHE D 12 -24.72 7.77 26.00
C PHE D 12 -26.01 8.46 25.58
N LYS D 13 -27.06 8.23 26.35
CA LYS D 13 -28.34 8.86 26.12
C LYS D 13 -28.86 9.32 27.47
N ASP D 14 -29.02 10.64 27.61
CA ASP D 14 -29.51 11.20 28.87
C ASP D 14 -28.68 10.76 30.08
N GLY D 15 -27.37 10.61 29.88
CA GLY D 15 -26.50 10.22 30.97
C GLY D 15 -26.34 8.72 31.19
N GLU D 16 -27.09 7.93 30.43
CA GLU D 16 -27.01 6.47 30.56
C GLU D 16 -26.17 5.90 29.42
N VAL D 17 -25.61 4.72 29.63
CA VAL D 17 -24.79 4.09 28.61
C VAL D 17 -25.46 2.85 28.04
N LEU D 18 -25.29 2.65 26.73
CA LEU D 18 -25.85 1.52 26.03
C LEU D 18 -24.96 0.29 26.15
N LEU D 19 -25.50 -0.77 26.76
CA LEU D 19 -24.75 -2.01 26.89
C LEU D 19 -25.48 -3.15 26.20
N ILE D 20 -24.73 -4.19 25.85
CA ILE D 20 -25.34 -5.37 25.25
C ILE D 20 -24.94 -6.55 26.11
N LYS D 21 -25.70 -7.64 26.02
CA LYS D 21 -25.39 -8.83 26.80
C LYS D 21 -24.87 -9.86 25.83
N THR D 22 -23.64 -10.33 26.06
CA THR D 22 -23.02 -11.31 25.19
C THR D 22 -23.63 -12.69 25.35
N PRO D 23 -23.35 -13.59 24.40
CA PRO D 23 -23.88 -14.96 24.49
C PRO D 23 -23.39 -15.62 25.78
N SER D 24 -22.27 -15.12 26.31
CA SER D 24 -21.70 -15.67 27.54
C SER D 24 -22.33 -15.08 28.80
N ASN D 25 -23.41 -14.32 28.60
CA ASN D 25 -24.14 -13.70 29.70
C ASN D 25 -23.39 -12.60 30.43
N VAL D 26 -22.58 -11.85 29.69
CA VAL D 26 -21.82 -10.76 30.26
C VAL D 26 -22.23 -9.45 29.57
N TRP D 27 -22.41 -8.40 30.37
CA TRP D 27 -22.77 -7.10 29.80
C TRP D 27 -21.48 -6.48 29.28
N SER D 28 -21.55 -5.96 28.06
CA SER D 28 -20.38 -5.37 27.41
C SER D 28 -20.81 -4.29 26.42
N PHE D 29 -19.89 -3.81 25.61
CA PHE D 29 -20.23 -2.75 24.64
C PHE D 29 -20.53 -3.29 23.25
N PRO D 30 -21.42 -2.60 22.53
CA PRO D 30 -21.81 -2.99 21.17
C PRO D 30 -20.64 -2.72 20.22
N LYS D 31 -20.35 -3.68 19.35
CA LYS D 31 -19.23 -3.57 18.42
C LYS D 31 -19.36 -4.63 17.34
N GLY D 32 -18.60 -4.50 16.27
CA GLY D 32 -18.66 -5.48 15.20
C GLY D 32 -17.53 -5.38 14.22
N ASN D 33 -17.48 -6.35 13.31
CA ASN D 33 -16.44 -6.43 12.29
C ASN D 33 -16.51 -5.39 11.17
N ILE D 34 -15.32 -4.98 10.74
CA ILE D 34 -15.14 -4.03 9.67
C ILE D 34 -15.74 -4.63 8.39
N GLU D 35 -16.20 -3.77 7.49
CA GLU D 35 -16.71 -4.21 6.19
C GLU D 35 -15.65 -3.69 5.23
N PRO D 36 -15.69 -4.13 3.97
CA PRO D 36 -14.73 -3.70 2.96
C PRO D 36 -14.69 -2.18 2.75
N GLY D 37 -13.50 -1.60 2.87
CA GLY D 37 -13.31 -0.18 2.67
C GLY D 37 -13.59 0.80 3.79
N GLU D 38 -14.12 0.32 4.91
CA GLU D 38 -14.44 1.20 6.01
C GLU D 38 -13.29 1.67 6.90
N LYS D 39 -13.40 2.90 7.39
CA LYS D 39 -12.46 3.44 8.35
C LYS D 39 -13.10 2.98 9.67
N PRO D 40 -12.31 2.84 10.75
CA PRO D 40 -12.90 2.39 12.02
C PRO D 40 -14.11 3.17 12.54
N GLU D 41 -14.14 4.48 12.34
CA GLU D 41 -15.28 5.27 12.81
C GLU D 41 -16.54 4.89 12.04
N GLU D 42 -16.38 4.52 10.78
CA GLU D 42 -17.51 4.13 9.95
C GLU D 42 -18.04 2.78 10.40
N THR D 43 -17.11 1.87 10.71
CA THR D 43 -17.48 0.55 11.18
C THR D 43 -18.23 0.68 12.50
N ALA D 44 -17.75 1.54 13.39
CA ALA D 44 -18.37 1.72 14.70
C ALA D 44 -19.82 2.16 14.61
N VAL D 45 -20.08 3.21 13.83
CA VAL D 45 -21.45 3.70 13.70
C VAL D 45 -22.37 2.62 13.14
N ARG D 46 -21.96 2.00 12.04
CA ARG D 46 -22.78 0.95 11.43
C ARG D 46 -23.00 -0.25 12.33
N GLU D 47 -21.94 -0.77 12.94
CA GLU D 47 -22.11 -1.94 13.80
C GLU D 47 -22.94 -1.71 15.06
N VAL D 48 -22.83 -0.54 15.67
CA VAL D 48 -23.64 -0.28 16.87
C VAL D 48 -25.11 -0.28 16.43
N TRP D 49 -25.37 0.29 15.27
CA TRP D 49 -26.73 0.35 14.75
C TRP D 49 -27.26 -1.05 14.44
N GLU D 50 -26.46 -1.86 13.76
CA GLU D 50 -26.86 -3.22 13.41
C GLU D 50 -27.04 -4.08 14.66
N GLU D 51 -26.19 -3.88 15.65
CA GLU D 51 -26.26 -4.70 16.85
C GLU D 51 -27.31 -4.32 17.88
N THR D 52 -27.71 -3.04 17.90
CA THR D 52 -28.67 -2.56 18.88
C THR D 52 -29.84 -1.76 18.31
N GLY D 53 -29.76 -1.40 17.04
CA GLY D 53 -30.80 -0.61 16.41
C GLY D 53 -30.70 0.86 16.80
N VAL D 54 -29.64 1.20 17.51
CA VAL D 54 -29.44 2.57 17.95
C VAL D 54 -28.40 3.32 17.12
N LYS D 55 -28.78 4.49 16.62
CA LYS D 55 -27.87 5.31 15.82
C LYS D 55 -27.13 6.26 16.75
N GLY D 56 -25.80 6.26 16.65
CA GLY D 56 -25.01 7.14 17.47
C GLY D 56 -24.14 8.05 16.62
N GLU D 57 -23.69 9.15 17.22
CA GLU D 57 -22.83 10.10 16.53
C GLU D 57 -21.50 10.08 17.25
N ILE D 58 -20.41 9.91 16.51
CA ILE D 58 -19.09 9.87 17.14
C ILE D 58 -18.59 11.23 17.60
N LEU D 59 -18.19 11.30 18.87
CA LEU D 59 -17.67 12.54 19.44
C LEU D 59 -16.16 12.48 19.57
N ASP D 60 -15.60 11.28 19.73
CA ASP D 60 -14.15 11.16 19.85
C ASP D 60 -13.71 9.70 19.93
N TYR D 61 -12.41 9.48 19.70
CA TYR D 61 -11.81 8.16 19.77
C TYR D 61 -11.41 7.90 21.23
N ILE D 62 -11.77 6.74 21.76
CA ILE D 62 -11.45 6.42 23.15
C ILE D 62 -10.13 5.67 23.28
N GLY D 63 -10.04 4.56 22.56
CA GLY D 63 -8.85 3.74 22.61
C GLY D 63 -9.18 2.39 22.00
N GLU D 64 -8.29 1.43 22.17
CA GLU D 64 -8.52 0.11 21.59
C GLU D 64 -8.17 -1.00 22.55
N ILE D 65 -8.68 -2.19 22.25
CA ILE D 65 -8.40 -3.38 23.02
C ILE D 65 -7.98 -4.40 21.97
N HIS D 66 -6.94 -5.17 22.26
CA HIS D 66 -6.53 -6.18 21.30
C HIS D 66 -6.16 -7.45 22.03
N TYR D 67 -6.22 -8.56 21.32
CA TYR D 67 -5.91 -9.86 21.90
C TYR D 67 -5.90 -10.93 20.84
N TRP D 68 -5.31 -12.07 21.19
CA TRP D 68 -5.26 -13.21 20.29
C TRP D 68 -6.32 -14.19 20.77
N TYR D 69 -7.00 -14.84 19.82
CA TYR D 69 -7.97 -15.85 20.19
C TYR D 69 -8.03 -16.82 19.02
N THR D 70 -8.70 -17.95 19.21
CA THR D 70 -8.77 -18.95 18.14
C THR D 70 -10.14 -19.06 17.51
N LEU D 71 -10.17 -18.96 16.18
CA LEU D 71 -11.41 -19.04 15.43
C LEU D 71 -11.26 -20.06 14.30
N LYS D 72 -12.12 -21.08 14.29
CA LYS D 72 -12.06 -22.11 13.26
C LYS D 72 -10.65 -22.60 12.98
N GLY D 73 -10.00 -23.10 14.03
CA GLY D 73 -8.67 -23.66 13.93
C GLY D 73 -7.56 -22.75 13.49
N GLU D 74 -7.69 -21.45 13.77
CA GLU D 74 -6.67 -20.50 13.37
C GLU D 74 -6.52 -19.38 14.40
N ARG D 75 -5.27 -18.98 14.66
CA ARG D 75 -5.01 -17.92 15.61
C ARG D 75 -5.34 -16.59 14.94
N ILE D 76 -6.10 -15.77 15.64
CA ILE D 76 -6.54 -14.47 15.14
C ILE D 76 -6.06 -13.35 16.05
N PHE D 77 -5.45 -12.32 15.47
CA PHE D 77 -5.04 -11.18 16.27
C PHE D 77 -6.13 -10.15 16.04
N LYS D 78 -6.94 -9.92 17.06
CA LYS D 78 -8.05 -9.00 16.95
C LYS D 78 -7.84 -7.66 17.62
N THR D 79 -8.25 -6.59 16.93
CA THR D 79 -8.14 -5.25 17.45
C THR D 79 -9.53 -4.64 17.38
N VAL D 80 -9.97 -4.07 18.50
CA VAL D 80 -11.27 -3.42 18.57
C VAL D 80 -11.07 -1.96 18.97
N LYS D 81 -11.48 -1.04 18.11
CA LYS D 81 -11.36 0.39 18.39
C LYS D 81 -12.72 0.88 18.91
N TYR D 82 -12.67 1.70 19.95
CA TYR D 82 -13.87 2.24 20.59
C TYR D 82 -14.02 3.74 20.46
N TYR D 83 -15.24 4.20 20.27
CA TYR D 83 -15.54 5.62 20.10
C TYR D 83 -16.61 6.10 21.06
N LEU D 84 -16.46 7.31 21.56
CA LEU D 84 -17.46 7.90 22.45
C LEU D 84 -18.57 8.36 21.52
N MET D 85 -19.80 7.99 21.84
CA MET D 85 -20.93 8.34 20.99
C MET D 85 -22.08 9.01 21.71
N LYS D 86 -22.80 9.84 20.97
CA LYS D 86 -23.98 10.54 21.45
C LYS D 86 -25.19 9.88 20.81
N TYR D 87 -26.21 9.58 21.62
CA TYR D 87 -27.43 8.97 21.10
C TYR D 87 -28.10 9.91 20.12
N LYS D 88 -28.60 9.36 19.01
CA LYS D 88 -29.28 10.17 17.99
C LYS D 88 -30.67 9.61 17.69
N GLU D 89 -30.77 8.31 17.46
CA GLU D 89 -32.04 7.71 17.07
C GLU D 89 -32.14 6.22 17.38
N GLY D 90 -33.37 5.73 17.53
CA GLY D 90 -33.57 4.31 17.77
C GLY D 90 -33.94 3.84 19.16
N GLU D 91 -34.46 2.62 19.22
CA GLU D 91 -34.83 1.98 20.48
C GLU D 91 -33.99 0.72 20.52
N PRO D 92 -33.29 0.48 21.63
CA PRO D 92 -32.46 -0.73 21.71
C PRO D 92 -33.18 -2.06 21.60
N ARG D 93 -32.68 -2.89 20.68
CA ARG D 93 -33.19 -4.24 20.44
C ARG D 93 -31.99 -5.08 20.06
N PRO D 94 -31.84 -6.26 20.68
CA PRO D 94 -30.69 -7.11 20.35
C PRO D 94 -30.75 -7.75 18.96
N SER D 95 -29.60 -7.82 18.30
CA SER D 95 -29.50 -8.45 16.99
C SER D 95 -29.40 -9.95 17.30
N TRP D 96 -29.27 -10.78 16.27
CA TRP D 96 -29.17 -12.21 16.50
C TRP D 96 -27.88 -12.60 17.22
N GLU D 97 -26.91 -11.69 17.24
CA GLU D 97 -25.62 -11.97 17.88
C GLU D 97 -25.55 -11.70 19.38
N VAL D 98 -26.52 -10.97 19.92
CA VAL D 98 -26.52 -10.65 21.35
C VAL D 98 -27.84 -10.97 22.04
N LYS D 99 -27.79 -11.15 23.36
CA LYS D 99 -28.98 -11.51 24.14
C LYS D 99 -29.88 -10.35 24.54
N ASP D 100 -29.30 -9.15 24.62
CA ASP D 100 -30.07 -7.98 25.01
C ASP D 100 -29.29 -6.71 24.67
N ALA D 101 -30.00 -5.59 24.61
CA ALA D 101 -29.40 -4.28 24.32
C ALA D 101 -30.19 -3.33 25.21
N LYS D 102 -29.51 -2.63 26.10
CA LYS D 102 -30.21 -1.75 27.02
C LYS D 102 -29.39 -0.61 27.62
N PHE D 103 -30.07 0.47 27.97
CA PHE D 103 -29.41 1.63 28.58
C PHE D 103 -29.38 1.46 30.10
N PHE D 104 -28.26 1.81 30.70
CA PHE D 104 -28.07 1.70 32.15
C PHE D 104 -27.43 2.94 32.74
N PRO D 105 -27.81 3.31 33.98
CA PRO D 105 -27.20 4.50 34.58
C PRO D 105 -25.71 4.15 34.73
N ILE D 106 -24.84 5.15 34.69
CA ILE D 106 -23.40 4.92 34.79
C ILE D 106 -22.98 4.13 36.02
N LYS D 107 -23.55 4.46 37.18
CA LYS D 107 -23.20 3.76 38.41
C LYS D 107 -23.51 2.26 38.33
N GLU D 108 -24.61 1.91 37.69
CA GLU D 108 -24.98 0.51 37.56
C GLU D 108 -24.12 -0.19 36.51
N ALA D 109 -23.83 0.53 35.43
CA ALA D 109 -23.00 -0.02 34.35
C ALA D 109 -21.63 -0.41 34.88
N LYS D 110 -21.06 0.43 35.74
CA LYS D 110 -19.75 0.17 36.32
C LYS D 110 -19.74 -1.18 37.02
N LYS D 111 -20.86 -1.51 37.67
CA LYS D 111 -20.98 -2.77 38.39
C LYS D 111 -21.24 -3.95 37.45
N LEU D 112 -21.91 -3.69 36.34
CA LEU D 112 -22.23 -4.76 35.39
C LEU D 112 -21.05 -5.24 34.54
N LEU D 113 -20.20 -4.32 34.10
CA LEU D 113 -19.05 -4.70 33.28
C LEU D 113 -18.11 -5.64 34.01
N LYS D 114 -17.64 -6.66 33.30
CA LYS D 114 -16.75 -7.65 33.89
C LYS D 114 -15.34 -7.79 33.31
N TYR D 115 -15.24 -7.61 31.99
CA TYR D 115 -13.96 -7.73 31.32
C TYR D 115 -13.12 -6.51 31.66
N LYS D 116 -11.84 -6.76 31.94
CA LYS D 116 -10.93 -5.68 32.30
C LYS D 116 -10.84 -4.62 31.21
N GLY D 117 -10.78 -5.05 29.96
CA GLY D 117 -10.69 -4.10 28.87
C GLY D 117 -11.89 -3.16 28.83
N ASP D 118 -13.08 -3.73 29.01
CA ASP D 118 -14.31 -2.93 29.00
C ASP D 118 -14.28 -1.88 30.11
N LYS D 119 -13.83 -2.29 31.29
CA LYS D 119 -13.76 -1.38 32.43
C LYS D 119 -12.83 -0.21 32.14
N GLU D 120 -11.68 -0.50 31.54
CA GLU D 120 -10.71 0.53 31.21
C GLU D 120 -11.25 1.47 30.13
N ILE D 121 -11.87 0.90 29.10
CA ILE D 121 -12.44 1.71 28.03
C ILE D 121 -13.54 2.61 28.58
N PHE D 122 -14.37 2.07 29.47
CA PHE D 122 -15.45 2.85 30.07
C PHE D 122 -14.89 4.00 30.88
N GLU D 123 -13.85 3.71 31.67
CA GLU D 123 -13.21 4.73 32.48
C GLU D 123 -12.70 5.86 31.59
N LYS D 124 -12.09 5.51 30.46
CA LYS D 124 -11.59 6.51 29.53
C LYS D 124 -12.72 7.29 28.88
N ALA D 125 -13.80 6.60 28.53
CA ALA D 125 -14.95 7.23 27.90
C ALA D 125 -15.58 8.28 28.81
N LEU D 126 -15.75 7.94 30.08
CA LEU D 126 -16.35 8.85 31.04
C LEU D 126 -15.53 10.13 31.17
N LYS D 127 -14.21 9.99 31.11
CA LYS D 127 -13.33 11.14 31.21
C LYS D 127 -13.49 12.04 29.99
N LEU D 128 -13.60 11.42 28.81
CA LEU D 128 -13.78 12.17 27.57
C LEU D 128 -15.15 12.82 27.52
N LYS D 129 -16.14 12.14 28.09
CA LYS D 129 -17.51 12.63 28.09
C LYS D 129 -17.61 13.99 28.79
N GLU D 130 -16.70 14.25 29.71
CA GLU D 130 -16.67 15.51 30.46
C GLU D 130 -16.51 16.74 29.58
N LYS D 131 -15.90 16.57 28.41
CA LYS D 131 -15.66 17.69 27.50
C LYS D 131 -16.88 18.10 26.70
N PHE D 132 -17.91 17.24 26.69
CA PHE D 132 -19.11 17.54 25.94
C PHE D 132 -20.33 17.73 26.82
N LYS D 133 -21.39 18.26 26.25
CA LYS D 133 -22.63 18.49 26.97
C LYS D 133 -23.41 17.17 26.96
N LEU D 134 -22.66 16.07 26.87
CA LEU D 134 -23.25 14.73 26.83
C LEU D 134 -23.39 14.17 28.24
#